data_6IHJ
#
_entry.id   6IHJ
#
_cell.length_a   152.204
_cell.length_b   152.204
_cell.length_c   49.830
_cell.angle_alpha   90.00
_cell.angle_beta   90.00
_cell.angle_gamma   120.00
#
_symmetry.space_group_name_H-M   'P 62'
#
loop_
_entity.id
_entity.type
_entity.pdbx_description
1 polymer 'Nuclear RNA export factor 1'
2 polymer 'NTF2-related export protein'
3 water water
#
loop_
_entity_poly.entity_id
_entity_poly.type
_entity_poly.pdbx_seq_one_letter_code
_entity_poly.pdbx_strand_id
1 'polypeptide(L)'
;GPLGSLLETKASYLCDVAGAEVVRQFLDQYFRIFDSGNRQALLDAYHEKAMLSISMPSASQAGRLNSFWKFNRNLRRLLN
GEENRTRNLKYGRLACVSTLDEWPKTQHDRRTFTVDLTIYNTSMMVFTVTGLFKELNDETNNPASMELYDVRHFARTYVV
VPQNNGFCIRNETIFITNATHEQVREFKRSQ
;
A,C
2 'polypeptide(L)'
;GSMDSDLKAKVESCARTADTFTRLYYASVDNRRQQIGRLYLDNATLSWNGNGAIGRQMIESYFQELPSSNHQLNTLDAQP
IVDQAVSNQLAYLIMASGSVKFADQQLRKFQQTFIVTAENDKWKVVSDCYRMQEV
;
B,D
#
# COMPACT_ATOMS: atom_id res chain seq x y z
N LEU A 3 -0.63 -35.00 -25.40
CA LEU A 3 -1.81 -34.38 -24.80
C LEU A 3 -3.09 -34.91 -25.44
N GLY A 4 -4.01 -35.39 -24.61
CA GLY A 4 -5.28 -35.86 -25.13
C GLY A 4 -6.16 -34.73 -25.60
N SER A 5 -7.29 -35.10 -26.20
CA SER A 5 -8.30 -34.10 -26.53
C SER A 5 -9.10 -33.66 -25.31
N LEU A 6 -8.98 -34.36 -24.19
CA LEU A 6 -9.59 -33.92 -22.94
C LEU A 6 -8.72 -32.92 -22.19
N LEU A 7 -7.51 -32.66 -22.67
CA LEU A 7 -6.61 -31.75 -22.02
C LEU A 7 -6.01 -30.72 -22.98
N GLU A 8 -6.21 -30.87 -24.30
CA GLU A 8 -5.77 -29.87 -25.27
C GLU A 8 -6.37 -28.51 -24.96
N THR A 9 -5.53 -27.49 -24.90
CA THR A 9 -5.93 -26.19 -24.38
C THR A 9 -6.97 -25.52 -25.27
N LYS A 10 -8.06 -25.08 -24.65
CA LYS A 10 -9.01 -24.16 -25.25
C LYS A 10 -8.86 -22.81 -24.55
N ALA A 11 -8.96 -21.73 -25.33
CA ALA A 11 -8.65 -20.42 -24.77
C ALA A 11 -9.61 -20.02 -23.64
N SER A 12 -10.82 -20.57 -23.63
CA SER A 12 -11.81 -20.17 -22.64
C SER A 12 -12.90 -21.22 -22.50
N TYR A 13 -13.49 -21.26 -21.31
CA TYR A 13 -14.64 -22.10 -21.02
C TYR A 13 -15.64 -21.28 -20.20
N LEU A 14 -16.93 -21.46 -20.49
CA LEU A 14 -17.99 -20.78 -19.76
C LEU A 14 -18.98 -21.82 -19.25
N CYS A 15 -19.20 -21.86 -17.93
CA CYS A 15 -20.22 -22.75 -17.39
C CYS A 15 -21.61 -22.29 -17.82
N ASP A 16 -21.79 -20.99 -18.00
CA ASP A 16 -23.02 -20.40 -18.52
C ASP A 16 -22.63 -19.36 -19.55
N VAL A 17 -23.05 -19.57 -20.79
CA VAL A 17 -22.67 -18.67 -21.87
C VAL A 17 -23.22 -17.27 -21.62
N ALA A 18 -24.32 -17.14 -20.89
CA ALA A 18 -24.92 -15.84 -20.63
C ALA A 18 -23.94 -14.88 -19.97
N GLY A 19 -23.02 -15.40 -19.16
CA GLY A 19 -22.07 -14.54 -18.46
C GLY A 19 -20.97 -13.96 -19.32
N ALA A 20 -20.87 -14.40 -20.58
CA ALA A 20 -19.71 -14.02 -21.41
C ALA A 20 -19.58 -12.51 -21.54
N GLU A 21 -20.67 -11.84 -21.91
CA GLU A 21 -20.58 -10.39 -22.09
C GLU A 21 -20.27 -9.68 -20.78
N VAL A 22 -20.83 -10.19 -19.67
CA VAL A 22 -20.56 -9.60 -18.36
C VAL A 22 -19.06 -9.66 -18.06
N VAL A 23 -18.48 -10.86 -18.17
CA VAL A 23 -17.04 -11.03 -17.92
C VAL A 23 -16.23 -10.21 -18.91
N ARG A 24 -16.67 -10.18 -20.17
CA ARG A 24 -15.99 -9.36 -21.17
C ARG A 24 -15.98 -7.89 -20.76
N GLN A 25 -17.15 -7.34 -20.46
CA GLN A 25 -17.20 -5.96 -19.96
C GLN A 25 -16.32 -5.79 -18.73
N PHE A 26 -16.36 -6.75 -17.80
CA PHE A 26 -15.56 -6.63 -16.58
C PHE A 26 -14.08 -6.58 -16.91
N LEU A 27 -13.60 -7.55 -17.70
CA LEU A 27 -12.17 -7.64 -17.99
C LEU A 27 -11.65 -6.41 -18.71
N ASP A 28 -12.40 -5.91 -19.69
CA ASP A 28 -12.00 -4.72 -20.44
C ASP A 28 -11.78 -3.55 -19.50
N GLN A 29 -12.84 -3.18 -18.74
CA GLN A 29 -12.72 -2.06 -17.82
C GLN A 29 -11.62 -2.29 -16.80
N TYR A 30 -11.63 -3.45 -16.14
CA TYR A 30 -10.66 -3.71 -15.06
C TYR A 30 -9.24 -3.53 -15.56
N PHE A 31 -8.90 -4.13 -16.70
CA PHE A 31 -7.49 -4.23 -17.07
C PHE A 31 -6.99 -2.98 -17.76
N ARG A 32 -7.87 -2.28 -18.49
CA ARG A 32 -7.54 -0.94 -18.97
C ARG A 32 -7.12 -0.06 -17.80
N ILE A 33 -7.95 -0.02 -16.75
CA ILE A 33 -7.60 0.74 -15.55
C ILE A 33 -6.30 0.24 -14.96
N PHE A 34 -6.15 -1.09 -14.89
CA PHE A 34 -4.95 -1.66 -14.29
C PHE A 34 -3.69 -1.25 -15.04
N ASP A 35 -3.74 -1.21 -16.36
CA ASP A 35 -2.59 -0.82 -17.16
C ASP A 35 -2.50 0.70 -17.34
N SER A 36 -3.47 1.44 -16.82
CA SER A 36 -3.42 2.90 -16.87
C SER A 36 -2.40 3.49 -15.92
N GLY A 37 -1.93 2.73 -14.94
CA GLY A 37 -1.06 3.26 -13.90
C GLY A 37 -1.85 3.88 -12.77
N ASN A 38 -2.99 4.48 -13.13
CA ASN A 38 -3.89 5.10 -12.16
C ASN A 38 -4.83 4.03 -11.58
N ARG A 39 -4.23 3.13 -10.80
CA ARG A 39 -4.97 1.99 -10.28
C ARG A 39 -5.91 2.34 -9.14
N GLN A 40 -5.84 3.57 -8.60
CA GLN A 40 -6.73 3.93 -7.50
C GLN A 40 -8.20 3.80 -7.89
N ALA A 41 -8.53 3.98 -9.17
CA ALA A 41 -9.93 3.86 -9.59
C ALA A 41 -10.48 2.47 -9.30
N LEU A 42 -9.62 1.45 -9.25
CA LEU A 42 -10.04 0.10 -8.89
C LEU A 42 -10.53 0.01 -7.46
N LEU A 43 -10.42 1.11 -6.71
CA LEU A 43 -10.98 1.16 -5.36
C LEU A 43 -12.48 0.93 -5.38
N ASP A 44 -13.18 1.39 -6.42
CA ASP A 44 -14.61 1.12 -6.54
C ASP A 44 -14.91 -0.29 -7.01
N ALA A 45 -13.95 -0.96 -7.64
CA ALA A 45 -14.13 -2.32 -8.13
C ALA A 45 -14.08 -3.36 -7.01
N TYR A 46 -13.62 -2.98 -5.82
CA TYR A 46 -13.41 -3.92 -4.73
C TYR A 46 -14.40 -3.68 -3.60
N HIS A 47 -14.92 -4.77 -3.06
CA HIS A 47 -15.76 -4.73 -1.86
C HIS A 47 -15.06 -3.98 -0.74
N GLU A 48 -15.84 -3.29 0.09
CA GLU A 48 -15.26 -2.56 1.22
C GLU A 48 -14.58 -3.53 2.19
N LYS A 49 -15.07 -4.77 2.26
CA LYS A 49 -14.46 -5.83 3.06
C LYS A 49 -13.85 -6.90 2.17
N ALA A 50 -13.30 -6.50 1.01
CA ALA A 50 -12.71 -7.45 0.08
C ALA A 50 -11.42 -8.05 0.62
N MET A 51 -11.07 -9.22 0.11
CA MET A 51 -9.86 -9.93 0.45
C MET A 51 -9.04 -10.22 -0.80
N LEU A 52 -7.72 -10.05 -0.68
CA LEU A 52 -6.81 -10.18 -1.81
C LEU A 52 -5.46 -10.65 -1.32
N SER A 53 -4.86 -11.61 -2.02
CA SER A 53 -3.55 -12.11 -1.67
C SER A 53 -2.82 -12.54 -2.94
N ILE A 54 -1.49 -12.59 -2.85
CA ILE A 54 -0.61 -12.81 -3.99
C ILE A 54 0.43 -13.86 -3.59
N SER A 55 0.59 -14.88 -4.44
CA SER A 55 1.51 -15.98 -4.17
C SER A 55 2.43 -16.17 -5.35
N MET A 56 3.61 -16.74 -5.08
CA MET A 56 4.61 -16.95 -6.13
C MET A 56 5.59 -18.01 -5.68
N PRO A 57 6.24 -18.71 -6.60
CA PRO A 57 7.24 -19.71 -6.19
C PRO A 57 8.53 -19.05 -5.72
N SER A 58 9.32 -19.84 -5.00
CA SER A 58 10.55 -19.36 -4.39
C SER A 58 11.61 -19.08 -5.47
N ALA A 59 12.72 -18.47 -5.03
CA ALA A 59 13.79 -18.12 -5.95
C ALA A 59 14.53 -19.35 -6.46
N SER A 60 14.58 -20.42 -5.66
CA SER A 60 15.09 -21.68 -6.18
C SER A 60 14.17 -22.25 -7.25
N GLN A 61 12.88 -21.94 -7.19
CA GLN A 61 11.89 -22.56 -8.06
C GLN A 61 11.47 -21.69 -9.25
N ALA A 62 11.50 -20.36 -9.12
CA ALA A 62 10.79 -19.49 -10.06
C ALA A 62 11.66 -18.95 -11.20
N GLY A 63 12.73 -18.19 -10.92
CA GLY A 63 13.23 -17.83 -9.60
C GLY A 63 12.98 -16.41 -9.12
N ARG A 64 13.51 -15.42 -9.84
CA ARG A 64 13.59 -14.06 -9.33
C ARG A 64 12.36 -13.24 -9.71
N LEU A 65 11.61 -12.78 -8.69
CA LEU A 65 10.47 -11.87 -8.83
C LEU A 65 10.53 -10.80 -7.75
N ASN A 66 11.55 -9.95 -7.84
CA ASN A 66 11.85 -9.05 -6.72
C ASN A 66 10.89 -7.86 -6.65
N SER A 67 10.27 -7.51 -7.78
CA SER A 67 9.20 -6.50 -7.73
C SER A 67 7.97 -7.00 -6.99
N PHE A 68 7.82 -8.32 -6.83
CA PHE A 68 6.62 -8.91 -6.28
C PHE A 68 6.82 -9.63 -4.96
N TRP A 69 8.06 -9.98 -4.60
CA TRP A 69 8.27 -10.81 -3.42
C TRP A 69 7.84 -10.09 -2.14
N LYS A 70 7.74 -8.76 -2.17
CA LYS A 70 7.13 -8.04 -1.05
C LYS A 70 5.79 -8.63 -0.66
N PHE A 71 5.06 -9.19 -1.62
CA PHE A 71 3.65 -9.52 -1.47
C PHE A 71 3.37 -10.99 -1.17
N ASN A 72 4.36 -11.87 -1.28
CA ASN A 72 4.07 -13.30 -1.35
C ASN A 72 3.45 -13.81 -0.06
N ARG A 73 2.25 -14.38 -0.18
CA ARG A 73 1.61 -15.11 0.90
C ARG A 73 1.50 -16.57 0.46
N ASN A 74 2.40 -17.42 0.97
CA ASN A 74 2.44 -18.83 0.61
C ASN A 74 2.30 -19.67 1.86
N LEU A 75 1.17 -20.35 1.99
CA LEU A 75 0.89 -21.14 3.19
C LEU A 75 1.81 -22.36 3.30
N ARG A 76 2.33 -22.84 2.18
CA ARG A 76 3.19 -24.01 2.18
C ARG A 76 4.55 -23.65 2.78
N ARG A 77 4.86 -24.23 3.93
CA ARG A 77 6.14 -24.01 4.60
C ARG A 77 6.81 -25.34 4.90
N LEU A 78 8.14 -25.32 4.90
CA LEU A 78 8.93 -26.52 5.17
C LEU A 78 10.09 -26.11 6.05
N LEU A 79 10.04 -26.49 7.33
CA LEU A 79 11.09 -26.19 8.30
C LEU A 79 11.45 -24.70 8.31
N ASN A 80 10.42 -23.86 8.32
CA ASN A 80 10.63 -22.42 8.30
C ASN A 80 9.79 -21.75 9.38
N GLU A 82 6.77 -20.83 12.17
CA GLU A 82 5.49 -20.55 11.51
C GLU A 82 5.16 -19.06 11.55
N GLU A 83 5.00 -18.46 10.37
CA GLU A 83 4.52 -17.09 10.29
C GLU A 83 3.01 -17.06 10.49
N ASN A 84 2.50 -15.87 10.80
CA ASN A 84 1.06 -15.72 10.98
C ASN A 84 0.35 -16.05 9.67
N ARG A 85 -0.79 -16.73 9.78
CA ARG A 85 -1.61 -17.00 8.60
C ARG A 85 -2.21 -15.72 8.04
N THR A 86 -2.39 -14.70 8.88
CA THR A 86 -2.88 -13.41 8.44
C THR A 86 -1.80 -12.55 7.79
N ARG A 87 -0.59 -13.07 7.61
CA ARG A 87 0.50 -12.27 7.05
C ARG A 87 0.36 -12.11 5.54
N ASN A 88 0.46 -10.86 5.08
CA ASN A 88 0.36 -10.47 3.67
C ASN A 88 -0.99 -10.79 3.05
N LEU A 89 -2.01 -11.07 3.84
CA LEU A 89 -3.38 -11.08 3.33
C LEU A 89 -4.00 -9.70 3.56
N LYS A 90 -4.59 -9.14 2.50
CA LYS A 90 -5.10 -7.78 2.53
C LYS A 90 -6.61 -7.80 2.72
N TYR A 91 -7.07 -7.09 3.75
CA TYR A 91 -8.48 -7.03 4.11
C TYR A 91 -8.99 -5.61 3.94
N GLY A 92 -10.09 -5.46 3.22
CA GLY A 92 -10.61 -4.14 2.98
C GLY A 92 -10.14 -3.56 1.66
N ARG A 93 -11.07 -2.94 0.92
CA ARG A 93 -10.75 -2.37 -0.38
C ARG A 93 -9.51 -1.49 -0.34
N LEU A 94 -9.29 -0.76 0.76
CA LEU A 94 -8.14 0.13 0.87
C LEU A 94 -6.83 -0.64 0.73
N ALA A 95 -6.65 -1.69 1.54
CA ALA A 95 -5.43 -2.48 1.47
C ALA A 95 -5.28 -3.16 0.12
N CYS A 96 -6.37 -3.68 -0.43
CA CYS A 96 -6.30 -4.42 -1.69
C CYS A 96 -5.81 -3.53 -2.82
N VAL A 97 -6.48 -2.41 -3.03
CA VAL A 97 -6.12 -1.52 -4.14
C VAL A 97 -4.77 -0.86 -3.88
N SER A 98 -4.44 -0.59 -2.61
CA SER A 98 -3.11 -0.08 -2.30
C SER A 98 -2.04 -1.09 -2.71
N THR A 99 -2.23 -2.35 -2.34
CA THR A 99 -1.29 -3.40 -2.74
C THR A 99 -1.13 -3.43 -4.25
N LEU A 100 -2.24 -3.37 -4.98
CA LEU A 100 -2.18 -3.35 -6.44
C LEU A 100 -1.50 -2.09 -6.94
N ASP A 101 -1.66 -0.98 -6.22
CA ASP A 101 -1.01 0.26 -6.61
C ASP A 101 0.49 0.21 -6.42
N GLU A 102 0.97 -0.62 -5.50
CA GLU A 102 2.40 -0.78 -5.23
C GLU A 102 3.09 -1.61 -6.30
N TRP A 103 2.37 -2.10 -7.30
CA TRP A 103 2.98 -2.85 -8.38
C TRP A 103 3.73 -1.91 -9.31
N PRO A 104 4.67 -2.44 -10.09
CA PRO A 104 5.21 -1.68 -11.22
C PRO A 104 4.17 -1.53 -12.31
N LYS A 105 4.50 -0.67 -13.28
CA LYS A 105 3.59 -0.48 -14.41
C LYS A 105 3.56 -1.73 -15.27
N THR A 106 2.37 -2.06 -15.77
CA THR A 106 2.14 -3.32 -16.45
C THR A 106 1.45 -3.11 -17.78
N GLN A 107 1.71 -4.02 -18.72
CA GLN A 107 1.02 -4.08 -20.01
C GLN A 107 0.54 -5.52 -20.22
N HIS A 108 -0.73 -5.76 -19.92
CA HIS A 108 -1.31 -7.08 -20.10
C HIS A 108 -1.66 -7.30 -21.57
N ASP A 109 -1.37 -8.50 -22.07
CA ASP A 109 -1.62 -8.86 -23.46
C ASP A 109 -2.88 -9.72 -23.50
N ARG A 110 -4.03 -9.08 -23.79
CA ARG A 110 -5.29 -9.81 -23.85
C ARG A 110 -5.25 -10.93 -24.87
N ARG A 111 -4.37 -10.85 -25.86
CA ARG A 111 -4.15 -11.95 -26.78
C ARG A 111 -3.59 -13.18 -26.06
N THR A 112 -3.08 -13.00 -24.85
CA THR A 112 -2.52 -14.11 -24.09
C THR A 112 -3.56 -14.76 -23.18
N PHE A 113 -4.71 -14.10 -23.00
CA PHE A 113 -5.59 -14.45 -21.88
C PHE A 113 -6.29 -15.79 -22.09
N THR A 114 -6.50 -16.48 -20.97
CA THR A 114 -7.46 -17.57 -20.87
C THR A 114 -8.48 -17.15 -19.82
N VAL A 115 -9.75 -17.50 -20.03
CA VAL A 115 -10.83 -17.07 -19.15
C VAL A 115 -11.77 -18.24 -18.92
N ASP A 116 -11.92 -18.63 -17.65
CA ASP A 116 -12.80 -19.75 -17.30
C ASP A 116 -13.81 -19.28 -16.27
N LEU A 117 -15.07 -19.22 -16.67
CA LEU A 117 -16.18 -18.91 -15.77
C LEU A 117 -16.74 -20.22 -15.24
N THR A 118 -16.47 -20.53 -13.98
CA THR A 118 -16.83 -21.80 -13.39
C THR A 118 -18.03 -21.71 -12.44
N ILE A 119 -18.45 -20.50 -12.07
CA ILE A 119 -19.65 -20.28 -11.29
C ILE A 119 -20.31 -19.02 -11.82
N TYR A 120 -21.61 -19.10 -12.10
CA TYR A 120 -22.34 -18.00 -12.71
C TYR A 120 -23.79 -18.03 -12.24
N ASN A 121 -24.12 -17.20 -11.26
CA ASN A 121 -25.50 -17.13 -10.78
C ASN A 121 -25.80 -15.72 -10.31
N THR A 122 -27.07 -15.49 -9.97
CA THR A 122 -27.52 -14.15 -9.58
C THR A 122 -26.75 -13.63 -8.36
N SER A 123 -26.30 -14.53 -7.48
CA SER A 123 -25.66 -14.07 -6.26
C SER A 123 -24.16 -13.86 -6.43
N MET A 124 -23.53 -14.57 -7.37
CA MET A 124 -22.07 -14.63 -7.35
C MET A 124 -21.54 -15.13 -8.68
N MET A 125 -20.31 -14.70 -8.99
CA MET A 125 -19.57 -15.10 -10.19
C MET A 125 -18.14 -15.43 -9.80
N VAL A 126 -17.63 -16.55 -10.30
CA VAL A 126 -16.24 -16.96 -10.11
C VAL A 126 -15.63 -17.23 -11.48
N PHE A 127 -14.59 -16.48 -11.85
CA PHE A 127 -13.88 -16.71 -13.10
C PHE A 127 -12.37 -16.60 -12.87
N THR A 128 -11.62 -17.40 -13.62
CA THR A 128 -10.17 -17.44 -13.55
C THR A 128 -9.60 -16.90 -14.85
N VAL A 129 -8.60 -16.02 -14.73
CA VAL A 129 -7.91 -15.43 -15.87
C VAL A 129 -6.43 -15.73 -15.73
N THR A 130 -5.83 -16.31 -16.78
CA THR A 130 -4.39 -16.49 -16.85
C THR A 130 -3.88 -15.77 -18.08
N GLY A 131 -2.61 -15.36 -18.04
CA GLY A 131 -2.02 -14.70 -19.17
C GLY A 131 -0.64 -14.15 -18.86
N LEU A 132 -0.18 -13.27 -19.75
CA LEU A 132 1.12 -12.63 -19.66
C LEU A 132 0.96 -11.11 -19.57
N PHE A 133 1.88 -10.47 -18.86
CA PHE A 133 1.95 -9.01 -18.85
C PHE A 133 3.40 -8.58 -18.79
N LYS A 134 3.69 -7.44 -19.41
CA LYS A 134 5.04 -6.88 -19.40
C LYS A 134 5.20 -5.97 -18.20
N GLU A 135 6.33 -6.11 -17.51
CA GLU A 135 6.65 -5.25 -16.37
C GLU A 135 7.38 -4.02 -16.92
N LEU A 136 6.61 -2.98 -17.25
CA LEU A 136 7.18 -1.75 -17.81
C LEU A 136 7.88 -0.93 -16.74
N ASP A 150 10.96 -7.59 -19.17
CA ASP A 150 10.63 -8.72 -18.31
C ASP A 150 9.13 -9.04 -18.40
N VAL A 151 8.83 -10.33 -18.59
CA VAL A 151 7.47 -10.81 -18.80
C VAL A 151 7.12 -11.78 -17.67
N ARG A 152 5.93 -11.59 -17.09
CA ARG A 152 5.44 -12.46 -16.03
C ARG A 152 4.16 -13.17 -16.48
N HIS A 153 4.08 -14.45 -16.13
CA HIS A 153 2.85 -15.23 -16.26
C HIS A 153 2.02 -15.07 -15.00
N PHE A 154 0.75 -14.75 -15.16
CA PHE A 154 -0.14 -14.56 -14.04
C PHE A 154 -1.35 -15.49 -14.15
N ALA A 155 -1.91 -15.83 -12.99
CA ALA A 155 -3.20 -16.50 -12.90
C ALA A 155 -3.95 -15.88 -11.73
N ARG A 156 -5.06 -15.21 -12.02
CA ARG A 156 -5.88 -14.55 -11.02
C ARG A 156 -7.27 -15.16 -11.06
N THR A 157 -7.86 -15.35 -9.88
CA THR A 157 -9.24 -15.79 -9.75
C THR A 157 -10.05 -14.71 -9.03
N TYR A 158 -11.16 -14.32 -9.63
CA TYR A 158 -12.05 -13.32 -9.06
C TYR A 158 -13.33 -13.98 -8.57
N VAL A 159 -13.70 -13.70 -7.32
CA VAL A 159 -15.02 -13.99 -6.79
C VAL A 159 -15.75 -12.66 -6.68
N VAL A 160 -16.73 -12.43 -7.55
CA VAL A 160 -17.33 -11.12 -7.75
C VAL A 160 -18.81 -11.18 -7.38
N VAL A 161 -19.30 -10.12 -6.74
CA VAL A 161 -20.69 -10.09 -6.26
C VAL A 161 -21.39 -8.91 -6.84
N PRO A 162 -22.72 -8.94 -6.91
CA PRO A 162 -23.50 -7.76 -7.26
C PRO A 162 -23.48 -6.75 -6.11
N GLN A 163 -23.43 -5.47 -6.46
CA GLN A 163 -23.41 -4.42 -5.45
C GLN A 163 -23.89 -3.12 -6.09
N ASN A 164 -25.07 -2.65 -5.66
CA ASN A 164 -25.64 -1.38 -6.07
C ASN A 164 -25.69 -1.27 -7.59
N ASN A 165 -26.36 -2.26 -8.20
CA ASN A 165 -26.53 -2.34 -9.65
C ASN A 165 -25.18 -2.35 -10.35
N GLY A 166 -24.33 -3.28 -9.96
CA GLY A 166 -23.01 -3.40 -10.56
C GLY A 166 -22.25 -4.55 -9.92
N PHE A 167 -21.09 -4.82 -10.50
CA PHE A 167 -20.21 -5.89 -10.06
C PHE A 167 -19.24 -5.40 -8.99
N CYS A 168 -18.67 -6.35 -8.24
CA CYS A 168 -17.88 -6.00 -7.07
C CYS A 168 -17.05 -7.20 -6.63
N ILE A 169 -15.74 -7.01 -6.50
CA ILE A 169 -14.81 -8.10 -6.19
C ILE A 169 -14.80 -8.36 -4.69
N ARG A 170 -15.31 -9.53 -4.28
CA ARG A 170 -15.30 -9.91 -2.86
C ARG A 170 -14.02 -10.65 -2.48
N ASN A 171 -13.50 -11.48 -3.37
CA ASN A 171 -12.30 -12.27 -3.12
C ASN A 171 -11.45 -12.34 -4.36
N GLU A 172 -10.16 -12.05 -4.23
CA GLU A 172 -9.22 -12.18 -5.33
C GLU A 172 -7.96 -12.89 -4.87
N THR A 173 -7.57 -13.92 -5.59
CA THR A 173 -6.36 -14.67 -5.33
C THR A 173 -5.48 -14.58 -6.57
N ILE A 174 -4.21 -14.24 -6.37
CA ILE A 174 -3.30 -13.94 -7.47
C ILE A 174 -2.05 -14.81 -7.38
N PHE A 175 -1.69 -15.44 -8.49
CA PHE A 175 -0.43 -16.17 -8.60
C PHE A 175 0.41 -15.54 -9.71
N ILE A 176 1.71 -15.44 -9.46
CA ILE A 176 2.64 -14.79 -10.39
C ILE A 176 3.92 -15.62 -10.47
N THR A 177 4.46 -15.74 -11.68
CA THR A 177 5.73 -16.40 -11.91
C THR A 177 6.36 -15.81 -13.17
N ASN A 178 7.54 -16.33 -13.53
CA ASN A 178 8.21 -15.92 -14.75
C ASN A 178 7.69 -16.72 -15.94
N ALA A 179 7.62 -16.06 -17.09
CA ALA A 179 7.18 -16.74 -18.30
C ALA A 179 8.28 -17.62 -18.87
N THR A 180 7.88 -18.55 -19.71
CA THR A 180 8.86 -19.27 -20.50
C THR A 180 9.46 -18.31 -21.54
N HIS A 181 10.69 -18.62 -21.97
CA HIS A 181 11.45 -17.69 -22.80
C HIS A 181 10.89 -17.60 -24.22
N GLU A 182 10.39 -18.72 -24.76
CA GLU A 182 9.83 -18.67 -26.10
C GLU A 182 8.58 -17.80 -26.15
N GLN A 183 7.81 -17.76 -25.06
CA GLN A 183 6.73 -16.78 -24.96
C GLN A 183 7.28 -15.37 -25.05
N VAL A 184 8.35 -15.10 -24.31
CA VAL A 184 8.99 -13.79 -24.32
C VAL A 184 9.35 -13.37 -25.74
N ARG A 185 9.88 -14.31 -26.53
CA ARG A 185 10.23 -14.01 -27.91
C ARG A 185 8.99 -13.78 -28.76
N GLU A 186 7.96 -14.62 -28.60
CA GLU A 186 6.73 -14.44 -29.38
C GLU A 186 6.06 -13.12 -29.04
N PHE A 187 6.08 -12.74 -27.76
CA PHE A 187 5.60 -11.44 -27.32
C PHE A 187 6.48 -10.32 -27.84
N LYS A 188 7.80 -10.54 -27.92
CA LYS A 188 8.72 -9.50 -28.38
C LYS A 188 8.38 -9.03 -29.79
N ARG A 189 7.79 -9.90 -30.60
CA ARG A 189 7.34 -9.52 -31.93
C ARG A 189 5.81 -9.38 -31.98
N SER B 5 9.56 43.55 20.57
CA SER B 5 10.37 43.15 19.42
C SER B 5 11.24 41.94 19.73
N LEU B 6 11.01 41.33 20.89
CA LEU B 6 11.81 40.21 21.35
C LEU B 6 11.45 38.93 20.62
N LEU B 7 12.34 37.95 20.72
CA LEU B 7 12.17 36.63 20.11
C LEU B 7 11.97 35.61 21.22
N GLU B 8 10.71 35.27 21.47
CA GLU B 8 10.33 34.22 22.43
C GLU B 8 9.17 33.43 21.85
N THR B 9 8.91 32.27 22.45
CA THR B 9 7.99 31.30 21.85
C THR B 9 6.56 31.80 21.86
N LYS B 10 5.92 31.75 20.69
CA LYS B 10 4.51 32.09 20.54
C LYS B 10 3.77 30.88 20.00
N ALA B 11 2.53 30.70 20.46
CA ALA B 11 1.79 29.48 20.15
C ALA B 11 1.49 29.38 18.65
N SER B 12 1.19 30.49 18.01
CA SER B 12 0.80 30.46 16.61
C SER B 12 1.20 31.75 15.90
N TYR B 13 1.47 31.63 14.61
CA TYR B 13 1.70 32.76 13.73
C TYR B 13 0.92 32.58 12.44
N LEU B 14 0.29 33.65 11.97
CA LEU B 14 -0.47 33.64 10.73
C LEU B 14 0.00 34.78 9.84
N CYS B 15 0.49 34.43 8.65
CA CYS B 15 0.87 35.46 7.69
C CYS B 15 -0.33 36.27 7.25
N ASP B 16 -1.50 35.63 7.18
CA ASP B 16 -2.76 36.32 6.92
C ASP B 16 -3.78 35.82 7.94
N VAL B 17 -4.39 36.76 8.67
CA VAL B 17 -5.27 36.38 9.76
C VAL B 17 -6.59 35.84 9.24
N ALA B 18 -6.97 36.17 8.00
CA ALA B 18 -8.27 35.78 7.49
C ALA B 18 -8.46 34.27 7.51
N GLY B 19 -7.39 33.51 7.25
CA GLY B 19 -7.51 32.06 7.16
C GLY B 19 -7.56 31.34 8.49
N ALA B 20 -7.61 32.07 9.62
CA ALA B 20 -7.51 31.41 10.91
C ALA B 20 -8.65 30.42 11.12
N GLU B 21 -9.88 30.82 10.82
CA GLU B 21 -11.02 29.91 10.95
C GLU B 21 -10.83 28.67 10.07
N VAL B 22 -10.38 28.88 8.81
CA VAL B 22 -10.07 27.77 7.92
C VAL B 22 -9.20 26.74 8.63
N VAL B 23 -8.04 27.18 9.15
CA VAL B 23 -7.04 26.26 9.68
C VAL B 23 -7.58 25.53 10.92
N ARG B 24 -8.15 26.27 11.87
CA ARG B 24 -8.70 25.63 13.07
C ARG B 24 -9.74 24.59 12.72
N GLN B 25 -10.65 24.91 11.79
CA GLN B 25 -11.62 23.93 11.32
C GLN B 25 -10.92 22.70 10.74
N PHE B 26 -9.97 22.91 9.84
CA PHE B 26 -9.23 21.79 9.25
C PHE B 26 -8.56 20.96 10.34
N LEU B 27 -7.85 21.63 11.25
CA LEU B 27 -7.07 20.92 12.27
C LEU B 27 -7.95 20.02 13.12
N ASP B 28 -9.05 20.56 13.67
CA ASP B 28 -9.86 19.76 14.60
C ASP B 28 -10.60 18.65 13.87
N GLN B 29 -11.06 18.93 12.66
CA GLN B 29 -11.71 17.89 11.85
C GLN B 29 -10.72 16.82 11.42
N TYR B 30 -9.57 17.24 10.87
CA TYR B 30 -8.54 16.28 10.45
C TYR B 30 -8.15 15.37 11.60
N PHE B 31 -7.87 15.94 12.76
CA PHE B 31 -7.30 15.15 13.85
C PHE B 31 -8.36 14.40 14.62
N ARG B 32 -9.61 14.89 14.61
CA ARG B 32 -10.71 14.07 15.09
C ARG B 32 -10.77 12.77 14.30
N ILE B 33 -10.68 12.85 12.97
CA ILE B 33 -10.65 11.65 12.14
C ILE B 33 -9.40 10.85 12.43
N PHE B 34 -8.27 11.52 12.66
CA PHE B 34 -7.01 10.81 12.83
C PHE B 34 -6.97 10.02 14.13
N ASP B 35 -7.63 10.50 15.18
CA ASP B 35 -7.63 9.79 16.45
C ASP B 35 -8.78 8.80 16.57
N SER B 36 -9.60 8.68 15.53
CA SER B 36 -10.47 7.51 15.40
C SER B 36 -9.65 6.34 14.85
N GLY B 37 -10.30 5.18 14.73
CA GLY B 37 -9.65 4.06 14.10
C GLY B 37 -9.89 4.04 12.60
N ASN B 38 -10.94 4.74 12.18
CA ASN B 38 -11.38 4.75 10.79
C ASN B 38 -10.71 5.91 10.06
N ARG B 39 -9.41 5.73 9.78
CA ARG B 39 -8.67 6.74 9.04
C ARG B 39 -8.96 6.73 7.56
N GLN B 40 -9.72 5.74 7.07
CA GLN B 40 -10.07 5.73 5.65
C GLN B 40 -10.89 6.95 5.26
N ALA B 41 -11.57 7.57 6.23
CA ALA B 41 -12.30 8.79 5.95
C ALA B 41 -11.37 9.90 5.47
N LEU B 42 -10.10 9.86 5.87
CA LEU B 42 -9.12 10.84 5.42
C LEU B 42 -8.93 10.82 3.91
N LEU B 43 -9.53 9.84 3.21
CA LEU B 43 -9.52 9.85 1.76
C LEU B 43 -10.09 11.15 1.21
N ASP B 44 -11.13 11.68 1.87
CA ASP B 44 -11.72 12.94 1.47
C ASP B 44 -10.78 14.12 1.71
N ALA B 45 -9.74 13.94 2.52
CA ALA B 45 -8.85 15.04 2.85
C ALA B 45 -7.66 15.18 1.91
N TYR B 46 -7.38 14.16 1.08
CA TYR B 46 -6.15 14.13 0.30
C TYR B 46 -6.41 14.24 -1.20
N HIS B 47 -5.60 15.07 -1.85
CA HIS B 47 -5.62 15.21 -3.29
C HIS B 47 -5.40 13.87 -3.96
N GLU B 48 -6.03 13.68 -5.13
CA GLU B 48 -5.86 12.43 -5.86
C GLU B 48 -4.40 12.10 -6.07
N LYS B 49 -3.59 13.10 -6.41
CA LYS B 49 -2.16 12.92 -6.64
C LYS B 49 -1.33 13.49 -5.50
N ALA B 50 -1.85 13.35 -4.27
CA ALA B 50 -1.16 13.82 -3.08
C ALA B 50 0.17 13.09 -2.88
N MET B 51 1.02 13.71 -2.07
CA MET B 51 2.31 13.13 -1.69
C MET B 51 2.49 13.27 -0.18
N LEU B 52 3.06 12.23 0.43
CA LEU B 52 3.21 12.14 1.87
C LEU B 52 4.47 11.35 2.17
N SER B 53 5.24 11.83 3.15
CA SER B 53 6.47 11.15 3.55
C SER B 53 6.79 11.49 5.00
N ILE B 54 7.33 10.50 5.70
CA ILE B 54 7.60 10.59 7.13
C ILE B 54 9.08 10.37 7.36
N SER B 55 9.65 11.11 8.31
CA SER B 55 11.07 11.01 8.65
C SER B 55 11.24 10.96 10.16
N MET B 56 12.32 10.32 10.59
CA MET B 56 12.56 9.97 11.98
C MET B 56 14.05 9.90 12.22
N PRO B 57 14.51 10.08 13.45
CA PRO B 57 15.88 9.74 13.79
C PRO B 57 16.04 8.26 14.06
N SER B 58 17.21 7.72 13.71
CA SER B 58 17.59 6.42 14.21
C SER B 58 17.70 6.48 15.73
N ALA B 59 17.61 5.31 16.36
CA ALA B 59 17.71 5.23 17.82
C ALA B 59 19.00 5.91 18.28
N SER B 60 18.95 7.10 18.92
CA SER B 60 17.77 7.83 19.47
C SER B 60 16.38 7.72 18.84
N GLY B 63 10.75 3.99 22.26
CA GLY B 63 11.83 4.94 22.04
C GLY B 63 12.67 4.63 20.83
N ARG B 64 12.49 3.43 20.28
CA ARG B 64 13.21 3.01 19.10
C ARG B 64 12.41 3.23 17.82
N LEU B 65 11.18 3.74 17.93
CA LEU B 65 10.36 4.14 16.79
C LEU B 65 9.99 2.96 15.89
N ASN B 66 9.70 1.80 16.52
CA ASN B 66 9.42 0.59 15.77
C ASN B 66 8.18 0.70 14.89
N SER B 67 7.09 1.28 15.43
CA SER B 67 5.87 1.42 14.66
C SER B 67 6.04 2.31 13.43
N PHE B 68 7.06 3.16 13.41
CA PHE B 68 7.24 4.11 12.33
C PHE B 68 8.46 3.82 11.46
N TRP B 69 9.38 2.96 11.91
CA TRP B 69 10.63 2.70 11.19
C TRP B 69 10.37 2.34 9.73
N LYS B 70 9.39 1.47 9.47
CA LYS B 70 9.09 1.06 8.11
C LYS B 70 8.74 2.21 7.19
N PHE B 71 8.29 3.33 7.75
CA PHE B 71 7.86 4.50 6.98
C PHE B 71 8.99 5.49 6.71
N ASN B 72 10.12 5.35 7.40
CA ASN B 72 11.14 6.39 7.43
C ASN B 72 11.68 6.69 6.03
N ARG B 73 11.74 7.97 5.70
CA ARG B 73 12.38 8.47 4.49
C ARG B 73 13.41 9.51 4.93
N ASN B 74 14.67 9.11 5.02
CA ASN B 74 15.75 9.97 5.49
C ASN B 74 16.77 10.12 4.37
N LEU B 75 16.94 11.35 3.89
CA LEU B 75 17.86 11.64 2.81
C LEU B 75 19.31 11.71 3.31
N ARG B 87 13.18 4.83 -1.60
CA ARG B 87 12.10 5.80 -1.46
C ARG B 87 10.95 5.23 -0.64
N ASN B 88 10.57 5.98 0.40
CA ASN B 88 9.31 5.74 1.08
C ASN B 88 8.30 6.84 0.72
N LEU B 89 8.53 7.50 -0.41
CA LEU B 89 7.64 8.54 -0.93
C LEU B 89 6.33 7.93 -1.40
N LYS B 90 5.24 8.26 -0.70
CA LYS B 90 3.91 7.78 -1.07
C LYS B 90 3.27 8.73 -2.08
N TYR B 91 2.85 8.19 -3.21
CA TYR B 91 2.28 8.99 -4.30
C TYR B 91 0.85 8.53 -4.58
N GLY B 92 -0.06 9.49 -4.70
CA GLY B 92 -1.49 9.24 -4.79
C GLY B 92 -2.13 9.13 -3.42
N ARG B 93 -3.37 9.63 -3.32
CA ARG B 93 -4.04 9.65 -2.03
C ARG B 93 -4.23 8.24 -1.48
N LEU B 94 -4.34 7.25 -2.36
CA LEU B 94 -4.42 5.87 -1.90
C LEU B 94 -3.17 5.49 -1.10
N ALA B 95 -1.99 5.79 -1.63
CA ALA B 95 -0.76 5.47 -0.91
C ALA B 95 -0.67 6.22 0.41
N CYS B 96 -1.04 7.50 0.40
CA CYS B 96 -0.92 8.32 1.61
C CYS B 96 -1.87 7.85 2.69
N VAL B 97 -3.16 7.72 2.36
CA VAL B 97 -4.15 7.30 3.35
C VAL B 97 -3.92 5.87 3.80
N SER B 98 -3.46 5.00 2.90
CA SER B 98 -3.10 3.64 3.32
C SER B 98 -1.95 3.66 4.31
N THR B 99 -0.87 4.37 3.97
CA THR B 99 0.24 4.55 4.89
C THR B 99 -0.24 5.03 6.26
N LEU B 100 -1.04 6.10 6.28
CA LEU B 100 -1.53 6.64 7.54
C LEU B 100 -2.43 5.64 8.26
N ASP B 101 -3.22 4.88 7.52
CA ASP B 101 -4.04 3.85 8.16
C ASP B 101 -3.19 2.71 8.71
N GLU B 102 -1.93 2.62 8.29
CA GLU B 102 -0.99 1.63 8.82
C GLU B 102 -0.19 2.16 10.00
N TRP B 103 -0.46 3.40 10.43
CA TRP B 103 0.11 3.90 11.67
C TRP B 103 -0.51 3.16 12.85
N PRO B 104 0.14 3.21 14.02
CA PRO B 104 -0.54 2.78 15.24
C PRO B 104 -1.60 3.79 15.66
N LYS B 105 -2.50 3.34 16.52
CA LYS B 105 -3.51 4.24 17.06
C LYS B 105 -2.84 5.35 17.85
N THR B 106 -3.45 6.54 17.81
CA THR B 106 -2.83 7.73 18.38
C THR B 106 -3.83 8.52 19.22
N GLN B 107 -3.29 9.30 20.14
CA GLN B 107 -4.05 10.15 21.06
C GLN B 107 -3.40 11.53 21.03
N HIS B 108 -4.00 12.46 20.31
CA HIS B 108 -3.44 13.79 20.14
C HIS B 108 -3.96 14.74 21.21
N ASP B 109 -3.06 15.59 21.70
CA ASP B 109 -3.40 16.70 22.59
C ASP B 109 -3.20 17.99 21.81
N ARG B 110 -4.30 18.66 21.46
CA ARG B 110 -4.24 19.88 20.66
C ARG B 110 -3.77 21.06 21.50
N ARG B 111 -3.88 20.96 22.84
CA ARG B 111 -3.29 21.98 23.69
C ARG B 111 -1.79 22.09 23.46
N THR B 112 -1.15 21.00 23.04
CA THR B 112 0.27 21.07 22.68
C THR B 112 0.49 21.82 21.37
N PHE B 113 -0.54 21.89 20.52
CA PHE B 113 -0.32 22.22 19.12
C PHE B 113 0.23 23.63 18.93
N THR B 114 1.01 23.79 17.87
CA THR B 114 1.43 25.09 17.38
C THR B 114 1.11 25.15 15.89
N VAL B 115 0.59 26.29 15.44
CA VAL B 115 0.20 26.48 14.05
C VAL B 115 0.95 27.67 13.48
N ASP B 116 1.61 27.48 12.34
CA ASP B 116 2.31 28.56 11.63
C ASP B 116 1.85 28.58 10.18
N LEU B 117 0.94 29.50 9.87
CA LEU B 117 0.44 29.71 8.51
C LEU B 117 1.47 30.54 7.73
N THR B 118 2.37 29.86 7.02
CA THR B 118 3.39 30.59 6.30
C THR B 118 2.85 31.20 5.01
N ILE B 119 2.02 30.46 4.28
CA ILE B 119 1.47 30.93 3.01
C ILE B 119 -0.05 30.83 3.05
N TYR B 120 -0.74 31.92 2.63
CA TYR B 120 -2.20 31.97 2.53
C TYR B 120 -2.54 32.84 1.32
N ASN B 121 -2.63 32.21 0.16
CA ASN B 121 -2.94 32.95 -1.05
C ASN B 121 -4.18 32.36 -1.73
N THR B 122 -4.46 32.90 -2.92
CA THR B 122 -5.63 32.51 -3.71
C THR B 122 -5.74 31.01 -3.92
N SER B 123 -4.64 30.37 -4.32
CA SER B 123 -4.67 29.01 -4.83
C SER B 123 -3.98 28.01 -3.91
N MET B 124 -3.55 28.43 -2.72
CA MET B 124 -2.74 27.54 -1.91
C MET B 124 -2.65 28.06 -0.47
N MET B 125 -2.64 27.11 0.46
CA MET B 125 -2.28 27.35 1.85
C MET B 125 -1.11 26.47 2.22
N VAL B 126 -0.19 26.99 3.01
CA VAL B 126 0.92 26.21 3.53
C VAL B 126 1.07 26.53 5.01
N PHE B 127 1.09 25.49 5.84
CA PHE B 127 1.23 25.71 7.27
C PHE B 127 1.89 24.51 7.91
N THR B 128 2.48 24.76 9.08
CA THR B 128 3.22 23.78 9.84
C THR B 128 2.59 23.63 11.23
N VAL B 129 2.43 22.38 11.66
CA VAL B 129 1.85 22.05 12.95
C VAL B 129 2.86 21.22 13.72
N THR B 130 3.05 21.56 15.00
CA THR B 130 3.87 20.78 15.90
C THR B 130 3.04 20.45 17.13
N GLY B 131 3.23 19.25 17.66
CA GLY B 131 2.43 18.86 18.81
C GLY B 131 2.86 17.51 19.36
N LEU B 132 2.02 17.00 20.26
CA LEU B 132 2.28 15.77 21.00
C LEU B 132 1.12 14.82 20.77
N PHE B 133 1.44 13.55 20.50
CA PHE B 133 0.44 12.50 20.51
C PHE B 133 1.02 11.28 21.23
N LYS B 134 0.14 10.52 21.86
CA LYS B 134 0.53 9.26 22.49
C LYS B 134 0.39 8.13 21.51
N GLU B 135 1.33 7.18 21.56
CA GLU B 135 1.25 5.98 20.75
C GLU B 135 0.41 4.95 21.50
N LEU B 136 -0.82 4.77 21.04
CA LEU B 136 -1.74 3.80 21.65
C LEU B 136 -1.35 2.41 21.18
N ASN B 137 -0.30 1.88 21.80
CA ASN B 137 0.22 0.56 21.49
C ASN B 137 -0.52 -0.51 22.30
N ASP B 138 -0.14 -1.77 22.10
CA ASP B 138 -0.68 -2.84 22.92
C ASP B 138 -0.15 -2.76 24.35
N GLU B 139 1.09 -2.29 24.50
CA GLU B 139 1.66 -2.13 25.84
C GLU B 139 1.02 -0.96 26.59
N THR B 140 0.53 0.04 25.87
CA THR B 140 -0.15 1.16 26.51
C THR B 140 -1.29 0.68 27.40
N ASN B 141 -2.04 -0.32 26.93
CA ASN B 141 -3.14 -0.84 27.74
C ASN B 141 -2.62 -1.55 28.99
N ASN B 142 -1.46 -2.18 28.90
CA ASN B 142 -0.96 -3.06 29.96
C ASN B 142 -0.66 -2.30 31.24
N PRO B 143 -1.29 -2.65 32.35
CA PRO B 143 -0.81 -2.21 33.67
C PRO B 143 0.47 -2.97 34.03
N ALA B 144 1.20 -2.43 35.01
CA ALA B 144 2.54 -2.87 35.41
C ALA B 144 3.55 -2.69 34.27
N SER B 145 3.17 -2.06 33.15
CA SER B 145 4.13 -1.34 32.32
C SER B 145 4.28 0.03 32.96
N MET B 146 4.94 0.03 34.13
CA MET B 146 5.05 1.23 34.96
C MET B 146 5.67 2.39 34.18
N GLU B 147 6.74 2.13 33.45
CA GLU B 147 7.39 3.14 32.62
C GLU B 147 7.07 2.87 31.16
N LEU B 148 6.45 3.84 30.50
CA LEU B 148 6.18 3.80 29.08
C LEU B 148 6.61 5.10 28.44
N TYR B 149 7.51 5.03 27.45
CA TYR B 149 7.83 6.17 26.60
C TYR B 149 6.81 6.22 25.45
N ASP B 150 5.56 6.42 25.84
CA ASP B 150 4.42 6.27 24.95
C ASP B 150 4.01 7.56 24.25
N VAL B 151 4.86 8.59 24.29
CA VAL B 151 4.51 9.90 23.74
C VAL B 151 5.51 10.28 22.66
N ARG B 152 4.99 10.84 21.56
CA ARG B 152 5.80 11.28 20.43
C ARG B 152 5.57 12.76 20.18
N HIS B 153 6.65 13.46 19.83
CA HIS B 153 6.56 14.82 19.33
C HIS B 153 6.55 14.78 17.81
N PHE B 154 5.61 15.49 17.21
CA PHE B 154 5.46 15.50 15.76
C PHE B 154 5.60 16.91 15.22
N ALA B 155 6.06 16.98 13.97
CA ALA B 155 6.04 18.20 13.17
C ALA B 155 5.54 17.81 11.78
N ARG B 156 4.37 18.35 11.41
CA ARG B 156 3.76 18.09 10.12
C ARG B 156 3.57 19.41 9.39
N THR B 157 3.99 19.47 8.14
CA THR B 157 3.73 20.60 7.26
C THR B 157 2.76 20.18 6.17
N TYR B 158 1.66 20.92 6.05
CA TYR B 158 0.65 20.67 5.04
C TYR B 158 0.71 21.75 3.97
N VAL B 159 0.80 21.33 2.71
CA VAL B 159 0.51 22.20 1.57
C VAL B 159 -0.87 21.79 1.08
N VAL B 160 -1.85 22.67 1.28
CA VAL B 160 -3.25 22.38 1.01
C VAL B 160 -3.74 23.29 -0.12
N VAL B 161 -4.68 22.78 -0.92
CA VAL B 161 -5.13 23.44 -2.14
C VAL B 161 -6.66 23.54 -2.05
N PRO B 162 -7.31 24.55 -2.62
CA PRO B 162 -8.76 24.67 -2.43
C PRO B 162 -9.55 23.59 -3.14
N GLN B 163 -10.61 23.13 -2.49
CA GLN B 163 -11.64 22.31 -3.10
C GLN B 163 -12.98 23.00 -2.87
N ASN B 164 -13.96 22.66 -3.71
CA ASN B 164 -15.23 23.37 -3.70
C ASN B 164 -15.85 23.42 -2.31
N ASN B 165 -15.78 22.31 -1.58
CA ASN B 165 -16.28 22.27 -0.20
C ASN B 165 -15.12 22.21 0.79
N PHE B 167 -10.68 21.70 1.50
CA PHE B 167 -10.15 20.51 2.17
C PHE B 167 -9.40 19.58 1.21
N CYS B 168 -8.16 19.90 0.89
CA CYS B 168 -7.38 19.10 -0.06
C CYS B 168 -5.88 19.25 0.18
N ILE B 169 -5.23 18.14 0.52
CA ILE B 169 -3.82 18.09 0.85
C ILE B 169 -3.07 17.63 -0.39
N ARG B 170 -2.30 18.52 -1.01
CA ARG B 170 -1.45 18.11 -2.13
C ARG B 170 -0.13 17.55 -1.63
N ASN B 171 0.41 18.10 -0.54
CA ASN B 171 1.71 17.71 -0.04
C ASN B 171 1.73 17.72 1.48
N GLU B 172 2.28 16.67 2.08
CA GLU B 172 2.37 16.55 3.52
C GLU B 172 3.70 15.89 3.88
N THR B 173 4.53 16.62 4.62
CA THR B 173 5.77 16.09 5.16
C THR B 173 5.61 15.92 6.66
N ILE B 174 5.98 14.75 7.17
CA ILE B 174 5.77 14.37 8.57
C ILE B 174 7.11 14.04 9.19
N PHE B 175 7.32 14.51 10.42
CA PHE B 175 8.49 14.16 11.21
C PHE B 175 8.04 13.72 12.60
N ILE B 176 8.57 12.59 13.07
CA ILE B 176 8.18 12.03 14.36
C ILE B 176 9.43 11.77 15.19
N THR B 177 9.37 12.18 16.45
CA THR B 177 10.40 11.92 17.43
C THR B 177 9.73 11.53 18.74
N ASN B 178 10.51 11.37 19.80
CA ASN B 178 9.93 11.19 21.12
C ASN B 178 9.92 12.51 21.87
N ALA B 179 8.98 12.64 22.79
CA ALA B 179 8.82 13.88 23.53
C ALA B 179 9.84 14.00 24.65
N THR B 180 10.05 15.25 25.10
CA THR B 180 10.86 15.49 26.28
C THR B 180 10.22 14.84 27.50
N HIS B 181 11.07 14.29 28.37
CA HIS B 181 10.57 13.54 29.53
C HIS B 181 9.54 14.33 30.32
N GLU B 182 9.77 15.64 30.51
CA GLU B 182 8.79 16.47 31.19
C GLU B 182 7.50 16.55 30.38
N GLN B 183 7.61 16.65 29.05
CA GLN B 183 6.43 16.65 28.21
C GLN B 183 5.68 15.33 28.33
N VAL B 184 6.40 14.22 28.47
CA VAL B 184 5.76 12.94 28.74
C VAL B 184 4.98 13.00 30.04
N ARG B 185 5.56 13.65 31.06
CA ARG B 185 4.95 13.60 32.39
C ARG B 185 3.64 14.40 32.44
N GLU B 186 3.57 15.50 31.71
CA GLU B 186 2.40 16.39 31.75
C GLU B 186 1.12 15.67 31.36
N MET C 3 -9.89 -6.11 11.21
CA MET C 3 -10.19 -7.51 10.98
C MET C 3 -10.75 -8.12 12.28
N ASP C 4 -11.95 -8.70 12.18
CA ASP C 4 -12.58 -9.34 13.32
C ASP C 4 -11.66 -10.39 13.93
N SER C 5 -11.83 -10.62 15.23
CA SER C 5 -11.18 -11.79 15.84
C SER C 5 -11.77 -13.07 15.25
N ASP C 6 -13.08 -13.10 15.08
CA ASP C 6 -13.77 -14.17 14.37
C ASP C 6 -13.07 -14.49 13.06
N LEU C 7 -12.71 -13.47 12.30
CA LEU C 7 -12.28 -13.72 10.93
C LEU C 7 -10.79 -14.08 10.88
N LYS C 8 -10.01 -13.61 11.87
CA LYS C 8 -8.69 -14.20 12.08
C LYS C 8 -8.80 -15.69 12.34
N ALA C 9 -9.79 -16.11 13.12
CA ALA C 9 -10.05 -17.52 13.32
C ALA C 9 -10.42 -18.19 11.99
N LYS C 10 -11.32 -17.58 11.23
CA LYS C 10 -11.76 -18.19 9.97
C LYS C 10 -10.61 -18.27 8.98
N VAL C 11 -9.77 -17.23 8.94
CA VAL C 11 -8.62 -17.23 8.05
C VAL C 11 -7.72 -18.43 8.34
N GLU C 12 -7.47 -18.68 9.64
CA GLU C 12 -6.59 -19.78 10.02
C GLU C 12 -7.25 -21.13 9.79
N SER C 13 -8.52 -21.25 10.17
CA SER C 13 -9.31 -22.42 9.79
C SER C 13 -9.14 -22.72 8.31
N CYS C 14 -9.27 -21.67 7.49
CA CYS C 14 -9.20 -21.84 6.03
C CYS C 14 -7.82 -22.31 5.58
N ALA C 15 -6.76 -21.80 6.19
CA ALA C 15 -5.40 -22.18 5.81
C ALA C 15 -5.14 -23.65 6.10
N ARG C 16 -5.57 -24.13 7.26
CA ARG C 16 -5.39 -25.54 7.60
C ARG C 16 -6.15 -26.44 6.63
N THR C 17 -7.46 -26.22 6.50
CA THR C 17 -8.27 -27.03 5.60
C THR C 17 -7.74 -27.00 4.17
N ALA C 18 -7.25 -25.83 3.73
CA ALA C 18 -6.60 -25.74 2.43
C ALA C 18 -5.43 -26.72 2.34
N ASP C 19 -4.54 -26.69 3.33
CA ASP C 19 -3.38 -27.56 3.32
C ASP C 19 -3.78 -29.03 3.20
N THR C 20 -4.71 -29.48 4.05
CA THR C 20 -5.06 -30.89 4.06
C THR C 20 -5.86 -31.29 2.82
N PHE C 21 -6.84 -30.48 2.40
CA PHE C 21 -7.59 -30.81 1.20
C PHE C 21 -6.66 -30.92 0.00
N THR C 22 -5.72 -29.99 -0.14
CA THR C 22 -4.83 -30.01 -1.30
C THR C 22 -4.00 -31.29 -1.34
N ARG C 23 -3.42 -31.66 -0.20
CA ARG C 23 -2.58 -32.85 -0.14
C ARG C 23 -3.37 -34.11 -0.48
N LEU C 24 -4.55 -34.25 0.13
CA LEU C 24 -5.42 -35.38 -0.20
C LEU C 24 -5.84 -35.33 -1.66
N TYR C 25 -6.17 -34.14 -2.17
CA TYR C 25 -6.65 -34.02 -3.54
C TYR C 25 -5.59 -34.49 -4.53
N TYR C 26 -4.37 -33.99 -4.40
CA TYR C 26 -3.33 -34.30 -5.37
C TYR C 26 -2.87 -35.75 -5.24
N ALA C 27 -2.84 -36.26 -4.01
CA ALA C 27 -2.66 -37.69 -3.81
C ALA C 27 -3.72 -38.47 -4.57
N SER C 28 -4.97 -38.04 -4.49
CA SER C 28 -6.05 -38.81 -5.10
C SER C 28 -6.05 -38.71 -6.62
N VAL C 29 -5.70 -37.54 -7.16
CA VAL C 29 -5.60 -37.40 -8.61
C VAL C 29 -4.47 -38.27 -9.16
N ASP C 30 -3.30 -38.22 -8.52
CA ASP C 30 -2.16 -38.95 -9.05
C ASP C 30 -2.28 -40.46 -8.80
N ASN C 31 -2.79 -40.87 -7.64
CA ASN C 31 -2.63 -42.25 -7.19
C ASN C 31 -3.92 -43.02 -6.96
N ARG C 32 -5.07 -42.37 -6.84
CA ARG C 32 -6.32 -43.04 -6.50
C ARG C 32 -7.50 -42.43 -7.26
N ARG C 33 -7.38 -42.40 -8.59
CA ARG C 33 -8.41 -41.75 -9.41
C ARG C 33 -9.75 -42.47 -9.34
N GLN C 34 -9.75 -43.78 -9.10
CA GLN C 34 -11.01 -44.51 -9.10
C GLN C 34 -11.98 -43.93 -8.09
N GLN C 35 -11.47 -43.38 -6.99
CA GLN C 35 -12.30 -42.79 -5.94
C GLN C 35 -12.29 -41.26 -5.94
N ILE C 36 -11.83 -40.63 -7.03
CA ILE C 36 -11.68 -39.18 -7.04
C ILE C 36 -12.99 -38.45 -6.83
N GLY C 37 -14.11 -39.03 -7.28
CA GLY C 37 -15.41 -38.39 -7.14
C GLY C 37 -15.79 -38.04 -5.72
N ARG C 38 -15.19 -38.70 -4.73
CA ARG C 38 -15.50 -38.37 -3.34
C ARG C 38 -15.22 -36.92 -3.02
N LEU C 39 -14.25 -36.30 -3.69
CA LEU C 39 -13.84 -34.94 -3.36
C LEU C 39 -14.76 -33.88 -3.94
N TYR C 40 -15.76 -34.24 -4.73
CA TYR C 40 -16.61 -33.28 -5.41
C TYR C 40 -18.06 -33.39 -4.95
N LEU C 41 -18.71 -32.24 -4.75
CA LEU C 41 -20.15 -32.22 -4.66
C LEU C 41 -20.75 -32.73 -5.96
N ASP C 42 -21.96 -33.30 -5.87
CA ASP C 42 -22.62 -33.85 -7.05
C ASP C 42 -22.67 -32.84 -8.19
N ASN C 43 -22.80 -31.56 -7.87
CA ASN C 43 -23.04 -30.52 -8.87
C ASN C 43 -21.84 -29.58 -9.05
N ALA C 44 -20.65 -30.02 -8.67
CA ALA C 44 -19.45 -29.25 -8.91
C ALA C 44 -19.21 -29.07 -10.40
N THR C 45 -18.44 -28.04 -10.74
CA THR C 45 -18.05 -27.78 -12.12
C THR C 45 -16.52 -27.80 -12.19
N LEU C 46 -16.00 -28.51 -13.18
CA LEU C 46 -14.56 -28.62 -13.41
C LEU C 46 -14.23 -28.02 -14.77
N SER C 47 -13.07 -27.36 -14.85
CA SER C 47 -12.55 -26.82 -16.10
C SER C 47 -11.04 -27.02 -16.09
N TRP C 48 -10.58 -28.03 -16.83
CA TRP C 48 -9.15 -28.29 -17.00
C TRP C 48 -8.75 -27.81 -18.40
N ASN C 49 -7.95 -26.75 -18.44
CA ASN C 49 -7.44 -26.19 -19.70
C ASN C 49 -8.57 -25.81 -20.64
N GLY C 50 -9.70 -25.37 -20.09
CA GLY C 50 -10.85 -25.04 -20.90
C GLY C 50 -11.76 -26.20 -21.23
N ASN C 51 -11.42 -27.41 -20.80
CA ASN C 51 -12.28 -28.58 -21.00
C ASN C 51 -13.22 -28.69 -19.81
N GLY C 52 -14.51 -28.47 -20.04
CA GLY C 52 -15.48 -28.45 -18.97
C GLY C 52 -16.14 -29.78 -18.68
N ALA C 53 -16.55 -29.95 -17.42
CA ALA C 53 -17.28 -31.12 -16.97
C ALA C 53 -18.27 -30.66 -15.91
N ILE C 54 -19.55 -30.99 -16.10
CA ILE C 54 -20.61 -30.55 -15.21
C ILE C 54 -21.09 -31.76 -14.42
N GLY C 55 -20.98 -31.68 -13.10
CA GLY C 55 -21.46 -32.79 -12.30
C GLY C 55 -20.37 -33.78 -11.94
N ARG C 56 -20.48 -34.31 -10.72
CA ARG C 56 -19.45 -35.20 -10.18
C ARG C 56 -19.18 -36.39 -11.09
N GLN C 57 -20.24 -36.98 -11.65
CA GLN C 57 -20.06 -38.19 -12.44
C GLN C 57 -19.29 -37.92 -13.73
N MET C 58 -19.59 -36.81 -14.41
CA MET C 58 -18.81 -36.43 -15.58
C MET C 58 -17.37 -36.09 -15.20
N ILE C 59 -17.18 -35.50 -14.02
CA ILE C 59 -15.83 -35.21 -13.52
C ILE C 59 -15.07 -36.51 -13.29
N GLU C 60 -15.71 -37.50 -12.66
CA GLU C 60 -15.09 -38.80 -12.49
C GLU C 60 -14.70 -39.39 -13.84
N SER C 61 -15.66 -39.45 -14.77
CA SER C 61 -15.40 -39.97 -16.10
C SER C 61 -14.21 -39.26 -16.73
N TYR C 62 -14.25 -37.93 -16.73
CA TYR C 62 -13.14 -37.13 -17.24
C TYR C 62 -11.81 -37.59 -16.67
N PHE C 63 -11.74 -37.77 -15.35
CA PHE C 63 -10.48 -38.12 -14.70
C PHE C 63 -9.98 -39.49 -15.13
N GLN C 64 -10.89 -40.47 -15.25
CA GLN C 64 -10.47 -41.80 -15.68
C GLN C 64 -9.96 -41.79 -17.12
N GLU C 65 -10.38 -40.83 -17.93
CA GLU C 65 -9.92 -40.74 -19.30
C GLU C 65 -8.62 -39.95 -19.46
N LEU C 66 -8.15 -39.28 -18.41
CA LEU C 66 -6.90 -38.54 -18.52
C LEU C 66 -5.70 -39.47 -18.35
N PRO C 67 -4.58 -39.16 -19.00
CA PRO C 67 -3.36 -39.95 -18.80
C PRO C 67 -2.87 -39.86 -17.36
N SER C 68 -1.97 -40.77 -17.02
CA SER C 68 -1.38 -40.78 -15.70
C SER C 68 -0.63 -39.48 -15.43
N SER C 69 -0.61 -39.07 -14.17
CA SER C 69 -0.12 -37.75 -13.81
C SER C 69 0.64 -37.82 -12.49
N ASN C 70 1.56 -36.87 -12.33
CA ASN C 70 2.22 -36.64 -11.04
C ASN C 70 2.29 -35.14 -10.81
N HIS C 71 1.63 -34.66 -9.77
CA HIS C 71 1.59 -33.25 -9.43
C HIS C 71 2.54 -32.96 -8.28
N GLN C 72 3.38 -31.93 -8.44
CA GLN C 72 4.27 -31.44 -7.40
C GLN C 72 3.82 -30.03 -7.02
N LEU C 73 3.33 -29.87 -5.80
CA LEU C 73 2.82 -28.59 -5.32
C LEU C 73 3.96 -27.70 -4.83
N ASN C 74 3.90 -26.42 -5.19
CA ASN C 74 4.90 -25.44 -4.75
C ASN C 74 4.30 -24.36 -3.87
N THR C 75 3.28 -23.66 -4.35
CA THR C 75 2.66 -22.60 -3.60
C THR C 75 1.23 -22.97 -3.25
N LEU C 76 0.75 -22.43 -2.13
CA LEU C 76 -0.61 -22.64 -1.68
C LEU C 76 -1.10 -21.36 -1.03
N ASP C 77 -2.27 -20.89 -1.45
CA ASP C 77 -2.90 -19.71 -0.88
C ASP C 77 -4.38 -20.04 -0.68
N ALA C 78 -5.00 -19.38 0.29
CA ALA C 78 -6.40 -19.67 0.57
C ALA C 78 -7.07 -18.49 1.24
N GLN C 79 -8.38 -18.36 1.01
CA GLN C 79 -9.16 -17.25 1.54
C GLN C 79 -10.53 -17.72 1.98
N PRO C 80 -11.02 -17.24 3.11
CA PRO C 80 -12.42 -17.48 3.47
C PRO C 80 -13.34 -16.60 2.62
N ILE C 81 -14.44 -17.18 2.15
CA ILE C 81 -15.46 -16.44 1.42
C ILE C 81 -16.68 -16.35 2.32
N VAL C 82 -17.04 -15.12 2.71
CA VAL C 82 -18.17 -14.88 3.60
C VAL C 82 -19.20 -14.02 2.84
N ASP C 83 -20.37 -14.61 2.55
CA ASP C 83 -21.38 -13.99 1.67
C ASP C 83 -22.53 -14.97 1.45
N GLN C 89 -23.39 -22.10 5.92
CA GLN C 89 -22.34 -22.82 5.22
C GLN C 89 -21.22 -21.86 4.80
N LEU C 90 -19.99 -22.36 4.78
CA LEU C 90 -18.81 -21.56 4.49
C LEU C 90 -18.02 -22.19 3.36
N ALA C 91 -17.36 -21.33 2.57
CA ALA C 91 -16.61 -21.75 1.40
C ALA C 91 -15.22 -21.12 1.43
N TYR C 92 -14.24 -21.86 0.92
CA TYR C 92 -12.85 -21.42 0.84
C TYR C 92 -12.41 -21.31 -0.61
N LEU C 93 -11.83 -20.16 -0.96
CA LEU C 93 -11.13 -19.99 -2.21
C LEU C 93 -9.68 -20.43 -2.04
N ILE C 94 -9.23 -21.36 -2.89
CA ILE C 94 -7.89 -21.94 -2.77
C ILE C 94 -7.16 -21.79 -4.09
N MET C 95 -5.93 -21.28 -4.03
CA MET C 95 -5.06 -21.15 -5.19
C MET C 95 -3.81 -21.98 -4.97
N ALA C 96 -3.61 -22.99 -5.81
CA ALA C 96 -2.45 -23.86 -5.76
C ALA C 96 -1.66 -23.75 -7.05
N SER C 97 -0.34 -23.91 -6.94
CA SER C 97 0.51 -23.91 -8.12
C SER C 97 1.65 -24.89 -7.90
N GLY C 98 2.06 -25.53 -8.99
CA GLY C 98 3.26 -26.35 -8.99
C GLY C 98 3.64 -26.83 -10.37
N SER C 99 4.21 -28.04 -10.43
CA SER C 99 4.62 -28.68 -11.67
C SER C 99 3.94 -30.03 -11.78
N VAL C 100 3.60 -30.42 -13.01
CA VAL C 100 2.85 -31.65 -13.26
C VAL C 100 3.56 -32.46 -14.33
N LYS C 101 3.61 -33.77 -14.13
CA LYS C 101 4.21 -34.70 -15.07
C LYS C 101 3.11 -35.62 -15.58
N PHE C 102 2.65 -35.38 -16.79
CA PHE C 102 1.64 -36.21 -17.41
C PHE C 102 2.30 -37.33 -18.20
N ALA C 103 1.99 -38.56 -17.84
CA ALA C 103 2.66 -39.73 -18.41
C ALA C 103 2.22 -39.94 -19.85
N ASP C 104 3.16 -39.88 -20.78
CA ASP C 104 4.51 -39.46 -20.43
C ASP C 104 4.95 -38.37 -21.39
N GLN C 105 4.95 -37.14 -20.87
CA GLN C 105 5.35 -35.95 -21.60
C GLN C 105 6.39 -35.19 -20.79
N GLN C 106 6.81 -34.05 -21.32
CA GLN C 106 7.73 -33.19 -20.60
C GLN C 106 7.07 -32.61 -19.35
N LEU C 107 7.89 -32.02 -18.49
CA LEU C 107 7.35 -31.39 -17.30
C LEU C 107 6.63 -30.10 -17.67
N ARG C 108 5.47 -29.89 -17.07
CA ARG C 108 4.69 -28.67 -17.26
C ARG C 108 4.42 -28.02 -15.91
N LYS C 109 4.07 -26.73 -15.94
CA LYS C 109 3.67 -26.01 -14.74
C LYS C 109 2.17 -25.77 -14.77
N PHE C 110 1.57 -25.70 -13.58
CA PHE C 110 0.12 -25.61 -13.49
C PHE C 110 -0.29 -24.69 -12.35
N GLN C 111 -1.45 -24.05 -12.54
CA GLN C 111 -2.14 -23.31 -11.50
C GLN C 111 -3.56 -23.85 -11.40
N GLN C 112 -4.07 -23.92 -10.17
CA GLN C 112 -5.40 -24.50 -9.94
C GLN C 112 -6.14 -23.71 -8.87
N THR C 113 -7.36 -23.33 -9.18
CA THR C 113 -8.22 -22.62 -8.24
C THR C 113 -9.37 -23.53 -7.83
N PHE C 114 -9.50 -23.75 -6.53
CA PHE C 114 -10.62 -24.47 -5.96
C PHE C 114 -11.54 -23.51 -5.22
N ILE C 115 -12.82 -23.86 -5.17
CA ILE C 115 -13.72 -23.38 -4.14
C ILE C 115 -14.26 -24.62 -3.46
N VAL C 116 -13.82 -24.87 -2.22
CA VAL C 116 -14.30 -26.00 -1.45
C VAL C 116 -15.32 -25.49 -0.42
N THR C 117 -16.26 -26.38 -0.08
CA THR C 117 -17.27 -26.11 0.93
C THR C 117 -17.53 -27.41 1.68
N ALA C 118 -18.11 -27.28 2.86
CA ALA C 118 -18.25 -28.40 3.79
C ALA C 118 -19.62 -29.05 3.67
N GLU C 119 -19.63 -30.37 3.57
CA GLU C 119 -20.86 -31.16 3.61
C GLU C 119 -20.67 -32.28 4.63
N ASN C 120 -21.53 -32.29 5.66
CA ASN C 120 -21.47 -33.29 6.73
C ASN C 120 -20.06 -33.37 7.32
N ASP C 121 -19.45 -32.20 7.52
CA ASP C 121 -18.12 -32.08 8.12
C ASP C 121 -17.05 -32.75 7.26
N LYS C 122 -17.15 -32.55 5.94
CA LYS C 122 -16.15 -32.98 4.98
C LYS C 122 -16.10 -31.97 3.85
N TRP C 123 -14.89 -31.66 3.40
CA TRP C 123 -14.68 -30.58 2.44
C TRP C 123 -14.66 -31.13 1.01
N LYS C 124 -15.48 -30.53 0.15
CA LYS C 124 -15.68 -31.02 -1.19
C LYS C 124 -15.61 -29.85 -2.18
N VAL C 125 -15.20 -30.17 -3.41
CA VAL C 125 -15.05 -29.15 -4.44
C VAL C 125 -16.40 -28.66 -4.91
N VAL C 126 -16.52 -27.33 -5.05
CA VAL C 126 -17.64 -26.73 -5.77
C VAL C 126 -17.22 -26.33 -7.19
N SER C 127 -15.97 -25.90 -7.34
CA SER C 127 -15.44 -25.39 -8.59
C SER C 127 -13.97 -25.73 -8.69
N ASP C 128 -13.56 -26.23 -9.85
CA ASP C 128 -12.19 -26.67 -10.09
C ASP C 128 -11.74 -26.06 -11.40
N CYS C 129 -10.75 -25.17 -11.34
CA CYS C 129 -10.17 -24.56 -12.53
C CYS C 129 -8.70 -24.91 -12.59
N TYR C 130 -8.29 -25.56 -13.69
CA TYR C 130 -6.94 -26.07 -13.86
C TYR C 130 -6.39 -25.53 -15.17
N ARG C 131 -5.24 -24.86 -15.11
CA ARG C 131 -4.57 -24.31 -16.28
C ARG C 131 -3.09 -24.65 -16.21
N MET C 132 -2.55 -25.18 -17.31
CA MET C 132 -1.15 -25.57 -17.37
C MET C 132 -0.45 -24.90 -18.54
N GLN C 133 0.87 -24.79 -18.43
CA GLN C 133 1.69 -24.15 -19.43
C GLN C 133 2.98 -24.94 -19.62
N GLU C 134 3.70 -24.61 -20.69
CA GLU C 134 4.89 -25.34 -21.09
C GLU C 134 6.09 -24.94 -20.23
N VAL C 135 7.23 -25.56 -20.53
CA VAL C 135 8.48 -25.41 -19.76
C VAL C 135 8.26 -25.80 -18.31
N ASP D 4 4.28 8.27 -13.57
CA ASP D 4 5.22 8.78 -14.56
C ASP D 4 6.66 8.70 -14.06
N SER D 5 7.61 8.73 -15.00
CA SER D 5 9.04 8.64 -14.70
C SER D 5 9.71 10.00 -14.58
N ASP D 6 9.33 10.97 -15.41
CA ASP D 6 9.89 12.32 -15.26
C ASP D 6 9.50 12.92 -13.91
N LEU D 7 8.37 12.50 -13.35
CA LEU D 7 8.01 12.89 -12.00
C LEU D 7 9.02 12.36 -10.99
N LYS D 8 9.44 11.10 -11.17
CA LYS D 8 10.49 10.56 -10.31
C LYS D 8 11.79 11.32 -10.49
N ALA D 9 12.06 11.77 -11.72
CA ALA D 9 13.22 12.62 -11.96
C ALA D 9 13.10 13.92 -11.17
N LYS D 10 11.93 14.55 -11.22
CA LYS D 10 11.71 15.76 -10.43
C LYS D 10 11.91 15.49 -8.95
N VAL D 11 11.50 14.30 -8.48
CA VAL D 11 11.65 13.95 -7.08
C VAL D 11 13.13 13.89 -6.71
N GLU D 12 13.92 13.18 -7.52
CA GLU D 12 15.33 12.98 -7.20
C GLU D 12 16.12 14.28 -7.31
N SER D 13 15.86 15.08 -8.35
CA SER D 13 16.46 16.41 -8.41
C SER D 13 16.05 17.26 -7.22
N CYS D 14 14.79 17.12 -6.80
CA CYS D 14 14.35 17.80 -5.58
C CYS D 14 15.16 17.33 -4.38
N ALA D 15 15.54 16.05 -4.36
CA ALA D 15 16.30 15.53 -3.23
C ALA D 15 17.70 16.12 -3.16
N ARG D 16 18.40 16.17 -4.30
CA ARG D 16 19.77 16.67 -4.28
C ARG D 16 19.81 18.19 -4.12
N THR D 17 18.85 18.91 -4.72
CA THR D 17 18.74 20.33 -4.45
C THR D 17 18.42 20.57 -2.97
N ALA D 18 17.60 19.71 -2.37
CA ALA D 18 17.30 19.84 -0.96
C ALA D 18 18.56 19.70 -0.11
N ASP D 19 19.33 18.63 -0.35
CA ASP D 19 20.56 18.40 0.40
C ASP D 19 21.53 19.55 0.22
N THR D 20 21.77 19.95 -1.04
CA THR D 20 22.66 21.07 -1.32
C THR D 20 22.21 22.31 -0.56
N PHE D 21 20.93 22.66 -0.65
CA PHE D 21 20.46 23.89 -0.03
C PHE D 21 20.50 23.82 1.49
N THR D 22 20.21 22.64 2.06
CA THR D 22 20.18 22.52 3.51
C THR D 22 21.57 22.66 4.11
N ARG D 23 22.55 21.93 3.57
CA ARG D 23 23.92 22.07 4.04
C ARG D 23 24.41 23.50 3.90
N LEU D 24 24.18 24.11 2.73
CA LEU D 24 24.54 25.50 2.52
C LEU D 24 23.84 26.41 3.52
N TYR D 25 22.53 26.24 3.68
CA TYR D 25 21.75 27.12 4.55
C TYR D 25 22.26 27.06 5.99
N TYR D 26 22.32 25.85 6.56
CA TYR D 26 22.72 25.72 7.95
C TYR D 26 24.17 26.13 8.17
N ALA D 27 25.03 25.96 7.16
CA ALA D 27 26.36 26.54 7.23
C ALA D 27 26.27 28.06 7.36
N SER D 28 25.41 28.69 6.57
CA SER D 28 25.32 30.15 6.58
C SER D 28 24.79 30.66 7.91
N VAL D 29 23.69 30.07 8.40
CA VAL D 29 23.10 30.54 9.64
C VAL D 29 24.04 30.31 10.81
N ASP D 30 24.69 29.15 10.85
CA ASP D 30 25.55 28.82 11.98
C ASP D 30 26.81 29.69 12.00
N ASN D 31 27.43 29.92 10.84
CA ASN D 31 28.73 30.56 10.77
C ASN D 31 28.73 31.93 10.10
N ARG D 32 27.95 32.11 9.03
CA ARG D 32 28.02 33.36 8.28
C ARG D 32 26.68 34.08 8.24
N ARG D 33 26.19 34.51 9.40
CA ARG D 33 24.88 35.14 9.50
C ARG D 33 24.80 36.51 8.80
N GLN D 34 25.83 36.93 8.09
CA GLN D 34 25.80 38.20 7.37
C GLN D 34 24.95 38.10 6.11
N LEU D 39 19.57 35.29 1.10
CA LEU D 39 19.27 33.91 0.70
C LEU D 39 17.75 33.72 0.62
N TYR D 40 17.00 34.82 0.67
CA TYR D 40 15.55 34.74 0.69
C TYR D 40 14.97 35.51 -0.48
N LEU D 41 13.80 35.05 -0.93
CA LEU D 41 12.97 35.91 -1.77
C LEU D 41 12.62 37.16 -0.98
N ASP D 42 12.71 38.31 -1.66
CA ASP D 42 12.34 39.55 -1.00
C ASP D 42 10.91 39.52 -0.48
N ASN D 43 10.04 38.73 -1.13
CA ASN D 43 8.68 38.57 -0.68
C ASN D 43 8.55 37.70 0.56
N ALA D 44 9.60 36.94 0.89
CA ALA D 44 9.44 35.73 1.70
C ALA D 44 8.89 35.99 3.10
N THR D 45 8.22 34.97 3.63
CA THR D 45 7.65 34.96 4.97
C THR D 45 8.39 33.92 5.80
N LEU D 46 8.71 34.29 7.05
CA LEU D 46 9.41 33.43 7.97
C LEU D 46 8.68 33.43 9.31
N SER D 47 8.59 32.25 9.93
CA SER D 47 8.09 32.10 11.30
C SER D 47 9.14 31.34 12.11
N TRP D 48 9.70 32.01 13.12
CA TRP D 48 10.67 31.39 14.02
C TRP D 48 10.02 31.23 15.39
N ASN D 49 9.62 30.00 15.71
CA ASN D 49 8.99 29.68 16.98
C ASN D 49 7.77 30.57 17.27
N GLY D 50 7.05 30.94 16.20
CA GLY D 50 5.82 31.69 16.31
C GLY D 50 5.93 33.18 16.13
N ASN D 51 7.12 33.68 15.81
CA ASN D 51 7.33 35.11 15.59
C ASN D 51 7.65 35.33 14.12
N GLY D 52 6.86 36.20 13.47
CA GLY D 52 6.92 36.36 12.02
C GLY D 52 7.78 37.50 11.57
N ALA D 53 8.47 37.29 10.43
CA ALA D 53 9.26 38.31 9.76
C ALA D 53 8.95 38.22 8.28
N ILE D 54 8.53 39.33 7.69
CA ILE D 54 8.07 39.36 6.30
C ILE D 54 8.98 40.30 5.52
N GLY D 55 9.69 39.77 4.54
CA GLY D 55 10.57 40.60 3.74
C GLY D 55 12.03 40.42 4.11
N ARG D 56 12.92 40.62 3.13
CA ARG D 56 14.32 40.32 3.34
C ARG D 56 14.94 41.21 4.41
N GLN D 57 14.57 42.50 4.43
CA GLN D 57 15.20 43.43 5.36
C GLN D 57 14.95 43.03 6.81
N MET D 58 13.67 42.83 7.18
CA MET D 58 13.35 42.46 8.54
C MET D 58 13.80 41.04 8.87
N ILE D 59 13.82 40.16 7.87
CA ILE D 59 14.36 38.82 8.09
C ILE D 59 15.84 38.92 8.48
N GLU D 60 16.59 39.76 7.78
CA GLU D 60 17.98 40.00 8.15
C GLU D 60 18.08 40.64 9.53
N SER D 61 17.10 41.47 9.89
CA SER D 61 17.08 42.04 11.23
C SER D 61 16.94 40.95 12.29
N TYR D 62 16.01 40.01 12.06
CA TYR D 62 15.82 38.92 13.02
C TYR D 62 17.05 38.02 13.09
N PHE D 63 17.67 37.74 11.94
CA PHE D 63 18.88 36.93 11.94
C PHE D 63 20.01 37.65 12.65
N GLN D 64 20.09 38.97 12.49
CA GLN D 64 21.15 39.72 13.17
C GLN D 64 20.92 39.78 14.67
N GLU D 65 19.67 40.01 15.10
CA GLU D 65 19.39 40.04 16.53
C GLU D 65 19.52 38.66 17.17
N LEU D 66 19.36 37.60 16.39
CA LEU D 66 19.40 36.25 16.94
C LEU D 66 20.84 35.86 17.27
N PRO D 67 21.10 35.29 18.45
CA PRO D 67 22.47 34.87 18.76
C PRO D 67 22.90 33.77 17.80
N SER D 68 24.19 33.67 17.55
CA SER D 68 24.64 32.57 16.72
C SER D 68 24.45 31.26 17.46
N SER D 69 24.26 30.20 16.68
CA SER D 69 23.84 28.91 17.19
C SER D 69 24.49 27.81 16.37
N ASN D 70 24.75 26.68 17.00
CA ASN D 70 25.29 25.51 16.31
C ASN D 70 24.20 24.45 16.17
N HIS D 71 23.94 24.03 14.94
CA HIS D 71 22.87 23.10 14.61
C HIS D 71 23.47 21.77 14.18
N GLN D 72 23.02 20.69 14.83
CA GLN D 72 23.29 19.34 14.36
C GLN D 72 22.04 18.84 13.67
N LEU D 73 22.15 18.62 12.35
CA LEU D 73 21.08 18.01 11.59
C LEU D 73 21.06 16.51 11.83
N ASN D 74 19.86 15.92 11.78
CA ASN D 74 19.73 14.47 11.86
C ASN D 74 18.86 13.90 10.75
N THR D 75 17.74 14.53 10.40
CA THR D 75 16.89 14.05 9.32
C THR D 75 16.69 15.12 8.25
N LEU D 76 16.53 14.66 7.01
CA LEU D 76 16.17 15.50 5.88
C LEU D 76 15.17 14.77 5.00
N ASP D 77 14.14 15.50 4.57
CA ASP D 77 13.08 14.98 3.70
C ASP D 77 12.64 16.11 2.77
N ALA D 78 12.18 15.75 1.58
CA ALA D 78 11.80 16.76 0.59
C ALA D 78 10.84 16.18 -0.43
N GLN D 79 10.09 17.07 -1.09
CA GLN D 79 9.08 16.71 -2.07
C GLN D 79 8.97 17.79 -3.13
N PRO D 80 8.67 17.42 -4.37
CA PRO D 80 8.28 18.41 -5.38
C PRO D 80 6.83 18.83 -5.25
N ILE D 81 6.56 20.08 -5.63
CA ILE D 81 5.22 20.66 -5.60
C ILE D 81 4.88 21.09 -7.02
N VAL D 82 3.82 20.51 -7.58
CA VAL D 82 3.35 20.87 -8.92
C VAL D 82 1.87 21.27 -8.81
N ASP D 83 1.58 22.53 -9.08
CA ASP D 83 0.22 23.05 -9.05
C ASP D 83 0.12 24.38 -9.77
N GLN D 89 5.51 27.50 -9.72
CA GLN D 89 5.49 26.04 -9.84
C GLN D 89 6.34 25.61 -11.03
N LEU D 90 7.14 24.55 -10.87
CA LEU D 90 7.16 23.75 -9.65
C LEU D 90 8.05 24.35 -8.55
N ALA D 91 7.82 23.90 -7.32
CA ALA D 91 8.58 24.30 -6.14
C ALA D 91 8.91 23.06 -5.32
N TYR D 92 9.73 23.26 -4.28
CA TYR D 92 10.18 22.16 -3.43
C TYR D 92 9.77 22.41 -1.99
N LEU D 93 9.18 21.40 -1.37
CA LEU D 93 8.93 21.38 0.06
C LEU D 93 10.06 20.62 0.75
N ILE D 94 10.61 21.24 1.80
CA ILE D 94 11.78 20.72 2.51
C ILE D 94 11.47 20.68 3.99
N MET D 95 11.89 19.63 4.66
CA MET D 95 11.79 19.56 6.12
C MET D 95 13.02 18.89 6.70
N ALA D 96 13.82 19.65 7.44
CA ALA D 96 15.00 19.14 8.13
C ALA D 96 14.75 19.14 9.64
N SER D 97 15.43 18.24 10.34
CA SER D 97 15.32 18.17 11.79
C SER D 97 16.68 17.84 12.39
N GLY D 98 16.86 18.27 13.64
CA GLY D 98 18.07 17.93 14.37
C GLY D 98 18.09 18.63 15.71
N SER D 99 19.30 18.98 16.17
CA SER D 99 19.51 19.65 17.45
C SER D 99 20.30 20.94 17.26
N VAL D 100 19.97 21.96 18.06
CA VAL D 100 20.63 23.26 17.99
C VAL D 100 21.25 23.57 19.35
N LYS D 101 22.43 24.19 19.32
CA LYS D 101 23.05 24.83 20.47
C LYS D 101 23.12 26.33 20.17
N PHE D 102 22.24 27.10 20.80
CA PHE D 102 22.23 28.55 20.66
C PHE D 102 23.21 29.11 21.70
N ALA D 103 24.43 29.37 21.25
CA ALA D 103 25.46 29.89 22.16
C ALA D 103 25.02 31.21 22.78
N ASP D 104 24.89 31.22 24.11
CA ASP D 104 25.13 30.04 24.93
C ASP D 104 23.90 29.66 25.73
N GLN D 105 23.24 28.57 25.35
CA GLN D 105 22.03 28.12 26.01
C GLN D 105 22.01 26.60 26.02
N GLN D 106 20.90 26.05 26.52
CA GLN D 106 20.77 24.61 26.67
C GLN D 106 20.73 23.92 25.31
N LEU D 107 20.85 22.59 25.35
CA LEU D 107 20.70 21.79 24.14
C LEU D 107 19.22 21.69 23.79
N ARG D 108 18.88 22.11 22.57
CA ARG D 108 17.51 22.07 22.07
C ARG D 108 17.44 21.19 20.83
N LYS D 109 16.22 20.78 20.49
CA LYS D 109 15.93 20.05 19.27
C LYS D 109 14.98 20.89 18.43
N PHE D 110 15.05 20.70 17.11
CA PHE D 110 14.38 21.62 16.20
C PHE D 110 13.90 20.90 14.94
N GLN D 111 12.78 21.38 14.42
CA GLN D 111 12.27 21.02 13.11
C GLN D 111 12.08 22.28 12.30
N GLN D 112 12.45 22.24 11.02
CA GLN D 112 12.40 23.42 10.18
C GLN D 112 11.95 23.03 8.77
N THR D 113 10.93 23.73 8.26
CA THR D 113 10.34 23.45 6.97
C THR D 113 10.53 24.65 6.03
N PHE D 114 11.11 24.39 4.86
CA PHE D 114 11.28 25.39 3.82
C PHE D 114 10.35 25.10 2.65
N ILE D 115 10.04 26.15 1.89
CA ILE D 115 9.48 26.01 0.56
C ILE D 115 10.35 26.88 -0.35
N VAL D 116 11.15 26.24 -1.18
CA VAL D 116 12.06 26.95 -2.05
C VAL D 116 11.48 26.94 -3.46
N THR D 117 11.78 28.01 -4.19
CA THR D 117 11.41 28.17 -5.59
C THR D 117 12.62 28.76 -6.31
N ALA D 118 12.68 28.50 -7.61
CA ALA D 118 13.79 29.00 -8.41
C ALA D 118 13.40 30.30 -9.12
N ASN D 120 16.49 33.64 -10.72
CA ASN D 120 17.08 33.44 -12.05
C ASN D 120 18.00 32.21 -12.05
N ASP D 121 17.40 31.04 -12.24
CA ASP D 121 18.13 29.76 -12.24
C ASP D 121 18.89 29.56 -10.92
N LYS D 122 18.24 29.92 -9.82
CA LYS D 122 18.80 29.74 -8.50
C LYS D 122 17.65 29.61 -7.50
N TRP D 123 17.78 28.68 -6.57
CA TRP D 123 16.70 28.33 -5.66
C TRP D 123 16.72 29.25 -4.43
N LYS D 124 15.56 29.82 -4.11
CA LYS D 124 15.45 30.71 -2.98
C LYS D 124 14.13 30.48 -2.27
N VAL D 125 14.06 30.96 -1.02
CA VAL D 125 13.02 30.57 -0.08
C VAL D 125 11.80 31.49 -0.21
N VAL D 126 10.61 30.89 -0.27
CA VAL D 126 9.35 31.62 -0.14
C VAL D 126 8.84 31.45 1.27
N SER D 127 9.13 30.29 1.86
CA SER D 127 8.58 29.89 3.14
C SER D 127 9.67 29.33 4.05
N ASP D 128 9.75 29.87 5.27
CA ASP D 128 10.64 29.35 6.30
C ASP D 128 9.85 29.26 7.61
N CYS D 129 9.79 28.05 8.17
CA CYS D 129 9.12 27.81 9.44
C CYS D 129 10.07 27.06 10.36
N TYR D 130 10.46 27.71 11.46
CA TYR D 130 11.42 27.17 12.41
C TYR D 130 10.75 27.00 13.78
N ARG D 131 10.74 25.77 14.29
CA ARG D 131 10.21 25.46 15.62
C ARG D 131 11.21 24.59 16.37
N MET D 132 11.50 24.97 17.61
CA MET D 132 12.45 24.30 18.49
C MET D 132 11.75 23.81 19.75
N GLN D 133 12.34 22.79 20.38
CA GLN D 133 11.82 22.25 21.63
C GLN D 133 13.00 21.86 22.52
N GLU D 134 12.67 21.40 23.72
CA GLU D 134 13.67 20.97 24.70
C GLU D 134 14.16 19.56 24.38
N VAL D 135 15.02 19.04 25.25
CA VAL D 135 15.60 17.70 25.12
C VAL D 135 16.41 17.58 23.83
#